data_6W3V
#
_entry.id   6W3V
#
_cell.length_a   42.396
_cell.length_b   137.359
_cell.length_c   48.759
_cell.angle_alpha   90.000
_cell.angle_beta   93.960
_cell.angle_gamma   90.000
#
_symmetry.space_group_name_H-M   'P 1 21 1'
#
loop_
_entity.id
_entity.type
_entity.pdbx_description
1 polymer 'Methyl-accepting chemotaxis protein'
2 non-polymer PHENYLALANINE
3 non-polymer 'SULFATE ION'
4 non-polymer 'CHLORIDE ION'
5 non-polymer 'SODIUM ION'
6 water water
#
_entity_poly.entity_id   1
_entity_poly.type   'polypeptide(L)'
_entity_poly.pdbx_seq_one_letter_code
;GIDPFTKTSLYESTLKNQTDLLKVTQSTVEDFRSTNQSFTRALEKDIANLPYQSLITEENIINNVGPILKYYRHSINALN
VYLGLNNGKVLLSQKSNDAKMPELRDDLDIKTKDWYQEALKTNDIFVTPAYLDTVLKQYVITYSKAIYKDGKIIGVLGVD
IPSEDLQNLVAKTPGNTFLFDQKNKIFAATNKELLNPSIDHSPVLNAYKLNGDNNFFSYKLNNEERLGACTKVFAYTACI
TESADIINKPIYKA
;
_entity_poly.pdbx_strand_id   A,B
#
loop_
_chem_comp.id
_chem_comp.type
_chem_comp.name
_chem_comp.formula
CL non-polymer 'CHLORIDE ION' 'Cl -1'
NA non-polymer 'SODIUM ION' 'Na 1'
SO4 non-polymer 'SULFATE ION' 'O4 S -2'
#
# COMPACT_ATOMS: atom_id res chain seq x y z
N ASP A 3 33.78 2.76 28.38
CA ASP A 3 33.46 1.69 29.40
C ASP A 3 32.61 0.63 28.68
N PRO A 4 32.92 -0.66 28.88
CA PRO A 4 32.20 -1.68 28.10
C PRO A 4 30.69 -1.61 28.27
N PHE A 5 30.24 -1.19 29.43
CA PHE A 5 28.81 -1.00 29.63
C PHE A 5 28.20 -0.02 28.66
N THR A 6 28.90 1.08 28.45
CA THR A 6 28.38 2.11 27.57
C THR A 6 28.44 1.60 26.12
N LYS A 7 29.53 0.94 25.75
CA LYS A 7 29.63 0.40 24.39
C LYS A 7 28.57 -0.66 24.07
N THR A 8 28.34 -1.53 25.05
CA THR A 8 27.23 -2.47 24.93
C THR A 8 25.88 -1.79 24.76
N SER A 9 25.67 -0.71 25.49
CA SER A 9 24.40 -0.02 25.39
C SER A 9 24.19 0.60 24.00
N LEU A 10 25.25 1.17 23.43
CA LEU A 10 25.18 1.77 22.12
C LEU A 10 24.99 0.67 21.06
N TYR A 11 25.74 -0.41 21.18
CA TYR A 11 25.58 -1.51 20.24
C TYR A 11 24.15 -2.03 20.25
N GLU A 12 23.61 -2.33 21.44
CA GLU A 12 22.24 -2.86 21.51
C GLU A 12 21.21 -1.90 20.94
N SER A 13 21.37 -0.62 21.19
CA SER A 13 20.46 0.40 20.65
C SER A 13 20.53 0.43 19.11
N THR A 14 21.72 0.44 18.55
CA THR A 14 21.81 0.59 17.12
C THR A 14 21.36 -0.70 16.44
N LEU A 15 21.64 -1.83 17.06
CA LEU A 15 21.19 -3.11 16.53
C LEU A 15 19.66 -3.07 16.43
N LYS A 16 18.98 -2.64 17.50
CA LYS A 16 17.51 -2.52 17.49
C LYS A 16 17.06 -1.57 16.37
N ASN A 17 17.64 -0.39 16.24
N ASN A 17 17.68 -0.40 16.28
CA ASN A 17 17.18 0.58 15.22
CA ASN A 17 17.30 0.62 15.31
C ASN A 17 17.35 -0.04 13.85
C ASN A 17 17.40 0.05 13.88
N GLN A 18 18.52 -0.60 13.58
CA GLN A 18 18.82 -1.03 12.21
C GLN A 18 17.97 -2.24 11.88
N THR A 19 17.82 -3.14 12.84
N THR A 19 17.71 -3.11 12.84
CA THR A 19 16.87 -4.24 12.67
CA THR A 19 16.87 -4.24 12.52
C THR A 19 15.48 -3.71 12.31
C THR A 19 15.38 -3.86 12.45
N ASP A 20 14.98 -2.77 13.11
CA ASP A 20 13.65 -2.20 12.87
C ASP A 20 13.53 -1.68 11.43
N LEU A 21 14.55 -0.97 10.96
CA LEU A 21 14.51 -0.38 9.64
C LEU A 21 14.59 -1.45 8.58
N LEU A 22 15.40 -2.48 8.82
CA LEU A 22 15.44 -3.60 7.87
C LEU A 22 14.04 -4.18 7.75
N LYS A 23 13.35 -4.38 8.87
CA LYS A 23 12.01 -4.91 8.84
C LYS A 23 11.06 -4.05 8.04
N VAL A 24 11.18 -2.74 8.12
CA VAL A 24 10.35 -1.86 7.33
C VAL A 24 10.53 -2.11 5.81
N THR A 25 11.76 -2.32 5.39
CA THR A 25 12.04 -2.61 4.00
C THR A 25 11.47 -3.99 3.63
N GLN A 26 11.62 -4.96 4.50
CA GLN A 26 10.98 -6.26 4.30
C GLN A 26 9.47 -6.12 4.12
N SER A 27 8.81 -5.34 4.98
CA SER A 27 7.39 -5.13 4.93
C SER A 27 6.98 -4.47 3.62
N THR A 28 7.79 -3.53 3.13
CA THR A 28 7.52 -2.83 1.91
C THR A 28 7.43 -3.85 0.77
N VAL A 29 8.41 -4.73 0.70
CA VAL A 29 8.41 -5.75 -0.37
C VAL A 29 7.17 -6.67 -0.21
N GLU A 30 6.92 -7.15 0.99
CA GLU A 30 5.77 -8.00 1.26
C GLU A 30 4.49 -7.36 0.84
N ASP A 31 4.26 -6.11 1.24
CA ASP A 31 3.01 -5.45 0.99
C ASP A 31 2.81 -5.21 -0.52
N PHE A 32 3.88 -4.87 -1.22
CA PHE A 32 3.83 -4.70 -2.66
C PHE A 32 3.32 -5.99 -3.30
N ARG A 33 3.93 -7.10 -2.92
CA ARG A 33 3.53 -8.39 -3.50
C ARG A 33 2.11 -8.72 -3.17
N SER A 34 1.73 -8.64 -1.90
CA SER A 34 0.39 -9.07 -1.51
CA SER A 34 0.43 -9.14 -1.46
C SER A 34 -0.70 -8.21 -2.15
N THR A 35 -0.47 -6.92 -2.30
CA THR A 35 -1.42 -6.06 -2.99
C THR A 35 -1.61 -6.54 -4.43
N ASN A 36 -0.53 -6.85 -5.10
CA ASN A 36 -0.63 -7.25 -6.51
C ASN A 36 -1.24 -8.64 -6.58
N GLN A 37 -0.97 -9.52 -5.64
CA GLN A 37 -1.62 -10.85 -5.63
C GLN A 37 -3.12 -10.72 -5.42
N SER A 38 -3.53 -9.89 -4.48
N SER A 38 -3.55 -9.87 -4.49
CA SER A 38 -4.96 -9.75 -4.18
CA SER A 38 -4.98 -9.79 -4.22
C SER A 38 -5.70 -9.25 -5.43
C SER A 38 -5.75 -9.19 -5.40
N PHE A 39 -5.11 -8.23 -6.08
CA PHE A 39 -5.63 -7.66 -7.33
C PHE A 39 -5.79 -8.77 -8.36
N THR A 40 -4.75 -9.57 -8.55
CA THR A 40 -4.77 -10.63 -9.57
C THR A 40 -5.85 -11.66 -9.26
N ARG A 41 -5.98 -12.03 -8.01
N ARG A 41 -5.99 -12.02 -8.01
CA ARG A 41 -7.00 -12.99 -7.59
CA ARG A 41 -6.98 -12.99 -7.57
C ARG A 41 -8.41 -12.43 -7.83
C ARG A 41 -8.39 -12.43 -7.79
N ALA A 42 -8.60 -11.16 -7.53
CA ALA A 42 -9.89 -10.54 -7.76
C ALA A 42 -10.24 -10.62 -9.25
N LEU A 43 -9.28 -10.29 -10.09
CA LEU A 43 -9.45 -10.32 -11.54
C LEU A 43 -9.78 -11.73 -12.01
N GLU A 44 -9.05 -12.71 -11.51
CA GLU A 44 -9.35 -14.10 -11.82
C GLU A 44 -10.81 -14.39 -11.50
N LYS A 45 -11.24 -14.01 -10.32
CA LYS A 45 -12.59 -14.31 -9.87
C LYS A 45 -13.63 -13.67 -10.79
N ASP A 46 -13.41 -12.45 -11.21
CA ASP A 46 -14.36 -11.74 -12.05
C ASP A 46 -14.43 -12.41 -13.43
N ILE A 47 -13.32 -12.88 -13.95
CA ILE A 47 -13.34 -13.55 -15.24
C ILE A 47 -14.05 -14.89 -15.12
N ALA A 48 -13.68 -15.70 -14.14
CA ALA A 48 -14.26 -17.01 -13.98
C ALA A 48 -15.73 -16.99 -13.63
N ASN A 49 -16.21 -15.89 -13.06
N ASN A 49 -16.19 -15.88 -13.08
CA ASN A 49 -17.65 -15.76 -12.74
CA ASN A 49 -17.60 -15.69 -12.74
C ASN A 49 -18.49 -15.40 -13.96
C ASN A 49 -18.46 -15.52 -13.98
N LEU A 50 -17.88 -15.13 -15.11
CA LEU A 50 -18.66 -14.94 -16.31
C LEU A 50 -19.32 -16.29 -16.68
N PRO A 51 -20.49 -16.26 -17.33
CA PRO A 51 -20.99 -17.53 -17.88
C PRO A 51 -20.06 -18.11 -18.90
N TYR A 52 -20.14 -19.43 -19.09
CA TYR A 52 -19.30 -20.03 -20.12
C TYR A 52 -19.55 -19.39 -21.49
N GLN A 53 -20.81 -19.10 -21.82
CA GLN A 53 -21.10 -18.54 -23.13
C GLN A 53 -20.23 -17.32 -23.43
N SER A 54 -19.93 -16.53 -22.39
CA SER A 54 -19.16 -15.30 -22.56
C SER A 54 -17.67 -15.57 -22.69
N LEU A 55 -17.24 -16.83 -22.47
CA LEU A 55 -15.86 -17.22 -22.48
C LEU A 55 -15.39 -18.08 -23.64
N ILE A 56 -16.34 -18.68 -24.37
CA ILE A 56 -16.04 -19.79 -25.26
C ILE A 56 -15.94 -19.45 -26.72
N THR A 57 -16.12 -18.19 -27.07
CA THR A 57 -15.73 -17.70 -28.39
C THR A 57 -14.78 -16.55 -28.21
N GLU A 58 -13.92 -16.36 -29.20
CA GLU A 58 -12.89 -15.33 -29.09
C GLU A 58 -13.54 -13.96 -29.10
N GLU A 59 -14.56 -13.77 -29.90
CA GLU A 59 -15.26 -12.49 -29.94
C GLU A 59 -15.91 -12.18 -28.60
N ASN A 60 -16.47 -13.18 -27.94
CA ASN A 60 -17.05 -12.98 -26.61
C ASN A 60 -15.96 -12.67 -25.59
N ILE A 61 -14.79 -13.31 -25.70
CA ILE A 61 -13.66 -12.95 -24.84
C ILE A 61 -13.32 -11.46 -25.04
N ILE A 62 -13.20 -11.00 -26.27
CA ILE A 62 -12.89 -9.61 -26.56
C ILE A 62 -13.90 -8.71 -25.90
N ASN A 63 -15.18 -8.97 -26.11
CA ASN A 63 -16.21 -8.06 -25.70
C ASN A 63 -16.57 -8.12 -24.22
N ASN A 64 -16.41 -9.30 -23.60
CA ASN A 64 -16.80 -9.51 -22.21
C ASN A 64 -15.61 -9.43 -21.26
N VAL A 65 -14.49 -10.06 -21.61
CA VAL A 65 -13.31 -10.02 -20.75
C VAL A 65 -12.53 -8.73 -20.98
N GLY A 66 -12.47 -8.21 -22.20
CA GLY A 66 -11.74 -6.99 -22.51
C GLY A 66 -12.02 -5.85 -21.54
N PRO A 67 -13.29 -5.49 -21.35
CA PRO A 67 -13.55 -4.35 -20.46
C PRO A 67 -13.04 -4.62 -19.05
N ILE A 68 -13.15 -5.83 -18.57
CA ILE A 68 -12.66 -6.18 -17.24
C ILE A 68 -11.16 -5.96 -17.17
N LEU A 69 -10.41 -6.42 -18.17
CA LEU A 69 -8.97 -6.23 -18.16
C LEU A 69 -8.67 -4.73 -18.08
N LYS A 70 -9.38 -3.95 -18.89
CA LYS A 70 -9.10 -2.53 -19.02
C LYS A 70 -9.41 -1.80 -17.70
N TYR A 71 -10.56 -2.05 -17.10
CA TYR A 71 -10.91 -1.42 -15.83
C TYR A 71 -9.91 -1.77 -14.77
N TYR A 72 -9.56 -3.04 -14.66
CA TYR A 72 -8.61 -3.48 -13.66
C TYR A 72 -7.30 -2.80 -13.91
N ARG A 73 -6.83 -2.79 -15.15
CA ARG A 73 -5.56 -2.16 -15.48
C ARG A 73 -5.55 -0.71 -15.01
N HIS A 74 -6.61 0.04 -15.30
CA HIS A 74 -6.69 1.44 -14.93
C HIS A 74 -6.67 1.54 -13.41
N SER A 75 -7.40 0.68 -12.72
CA SER A 75 -7.64 0.81 -11.28
C SER A 75 -6.31 0.84 -10.51
N ILE A 76 -5.31 0.10 -10.99
CA ILE A 76 -3.99 -0.03 -10.30
C ILE A 76 -2.86 0.63 -11.09
N ASN A 77 -3.20 1.18 -12.26
CA ASN A 77 -2.18 1.72 -13.18
C ASN A 77 -1.14 0.64 -13.50
N ALA A 78 -1.60 -0.55 -13.87
CA ALA A 78 -0.72 -1.59 -14.36
C ALA A 78 -0.25 -1.24 -15.78
N LEU A 79 0.87 -1.82 -16.22
CA LEU A 79 1.40 -1.56 -17.55
C LEU A 79 0.61 -2.34 -18.58
N ASN A 80 0.37 -3.60 -18.31
CA ASN A 80 -0.36 -4.50 -19.21
C ASN A 80 -1.16 -5.45 -18.36
N VAL A 81 -2.34 -5.85 -18.85
CA VAL A 81 -3.13 -6.88 -18.28
C VAL A 81 -3.66 -7.72 -19.45
N TYR A 82 -3.53 -9.05 -19.37
CA TYR A 82 -3.79 -9.86 -20.52
C TYR A 82 -4.27 -11.24 -20.12
N LEU A 83 -4.92 -11.89 -21.09
CA LEU A 83 -5.41 -13.27 -20.94
C LEU A 83 -4.97 -14.09 -22.15
N GLY A 84 -4.08 -15.04 -21.93
CA GLY A 84 -3.58 -15.90 -22.98
C GLY A 84 -4.33 -17.20 -23.07
N LEU A 85 -4.68 -17.56 -24.31
CA LEU A 85 -5.50 -18.74 -24.63
C LEU A 85 -4.70 -19.87 -25.18
N ASN A 86 -5.19 -21.09 -25.02
CA ASN A 86 -4.48 -22.28 -25.48
C ASN A 86 -4.29 -22.33 -27.00
N ASN A 87 -4.98 -21.52 -27.77
CA ASN A 87 -4.73 -21.44 -29.21
C ASN A 87 -3.60 -20.49 -29.56
N GLY A 88 -2.94 -19.91 -28.53
CA GLY A 88 -1.84 -19.00 -28.73
C GLY A 88 -2.16 -17.54 -28.84
N LYS A 89 -3.44 -17.23 -28.86
CA LYS A 89 -3.87 -15.84 -28.96
C LYS A 89 -3.91 -15.26 -27.54
N VAL A 90 -3.79 -13.95 -27.45
CA VAL A 90 -3.80 -13.27 -26.16
C VAL A 90 -4.62 -12.01 -26.29
N LEU A 91 -5.51 -11.82 -25.32
CA LEU A 91 -6.28 -10.58 -25.20
C LEU A 91 -5.47 -9.62 -24.37
N LEU A 92 -5.07 -8.52 -25.00
CA LEU A 92 -4.05 -7.64 -24.37
C LEU A 92 -4.63 -6.27 -24.15
N SER A 93 -4.60 -5.84 -22.88
CA SER A 93 -4.94 -4.47 -22.50
C SER A 93 -3.65 -3.78 -22.07
N GLN A 94 -3.22 -2.79 -22.85
CA GLN A 94 -1.91 -2.20 -22.67
C GLN A 94 -2.06 -0.69 -22.46
N LYS A 95 -1.21 -0.17 -21.57
CA LYS A 95 -1.13 1.27 -21.37
C LYS A 95 -0.73 1.99 -22.65
N SER A 96 -1.40 3.10 -22.93
CA SER A 96 -1.19 3.91 -24.13
C SER A 96 -2.34 4.89 -24.31
N MET A 101 -9.09 -0.13 -27.01
CA MET A 101 -9.88 -1.36 -26.89
C MET A 101 -8.96 -2.58 -26.87
N PRO A 102 -9.00 -3.44 -25.82
CA PRO A 102 -8.09 -4.58 -25.87
C PRO A 102 -8.30 -5.41 -27.10
N GLU A 103 -7.20 -5.78 -27.71
CA GLU A 103 -7.17 -6.56 -28.95
C GLU A 103 -6.72 -7.98 -28.69
N LEU A 104 -7.24 -8.88 -29.52
CA LEU A 104 -6.84 -10.26 -29.48
C LEU A 104 -5.71 -10.44 -30.47
N ARG A 105 -4.52 -10.66 -29.95
CA ARG A 105 -3.31 -10.70 -30.76
C ARG A 105 -2.88 -12.14 -31.01
N ASP A 106 -2.52 -12.44 -32.25
CA ASP A 106 -2.11 -13.81 -32.62
C ASP A 106 -0.62 -13.93 -32.88
N ASP A 107 0.13 -12.85 -32.68
CA ASP A 107 1.49 -12.78 -33.15
C ASP A 107 2.50 -12.68 -32.03
N LEU A 108 2.15 -13.09 -30.81
CA LEU A 108 2.96 -12.80 -29.61
C LEU A 108 3.64 -14.01 -28.88
N ASP A 109 3.52 -15.22 -29.41
CA ASP A 109 4.36 -16.38 -28.98
C ASP A 109 4.25 -16.74 -27.50
N ILE A 110 3.01 -16.81 -26.99
CA ILE A 110 2.79 -16.79 -25.56
C ILE A 110 3.24 -18.05 -24.88
N LYS A 111 3.27 -19.15 -25.61
CA LYS A 111 3.61 -20.43 -24.99
C LYS A 111 5.12 -20.58 -24.74
N THR A 112 5.90 -19.62 -25.20
CA THR A 112 7.31 -19.62 -24.90
C THR A 112 7.61 -18.85 -23.61
N LYS A 113 6.59 -18.20 -23.04
CA LYS A 113 6.82 -17.27 -21.92
C LYS A 113 6.79 -18.03 -20.59
N ASP A 114 7.72 -17.69 -19.72
CA ASP A 114 7.68 -18.27 -18.37
C ASP A 114 6.38 -17.95 -17.63
N TRP A 115 5.89 -16.72 -17.74
CA TRP A 115 4.66 -16.38 -17.04
C TRP A 115 3.51 -17.29 -17.46
N TYR A 116 3.53 -17.74 -18.71
CA TYR A 116 2.47 -18.63 -19.20
C TYR A 116 2.72 -20.06 -18.75
N GLN A 117 3.90 -20.56 -19.08
N GLN A 117 3.89 -20.58 -19.05
CA GLN A 117 4.28 -21.93 -18.74
CA GLN A 117 4.14 -21.99 -18.76
C GLN A 117 4.15 -22.20 -17.26
C GLN A 117 4.21 -22.25 -17.25
N GLU A 118 4.69 -21.30 -16.46
CA GLU A 118 4.74 -21.52 -15.02
C GLU A 118 3.37 -21.42 -14.35
N ALA A 119 2.47 -20.62 -14.90
CA ALA A 119 1.09 -20.56 -14.39
C ALA A 119 0.36 -21.87 -14.53
N LEU A 120 0.72 -22.65 -15.53
CA LEU A 120 0.10 -23.95 -15.74
C LEU A 120 0.62 -25.04 -14.84
N LYS A 121 1.71 -24.76 -14.16
CA LYS A 121 2.36 -25.74 -13.31
C LYS A 121 2.09 -25.56 -11.82
N THR A 122 1.38 -24.51 -11.46
CA THR A 122 1.00 -24.27 -10.07
C THR A 122 -0.46 -23.84 -10.02
N ASN A 123 -1.11 -24.11 -8.89
CA ASN A 123 -2.43 -23.56 -8.63
C ASN A 123 -2.41 -22.20 -7.93
N ASP A 124 -1.20 -21.72 -7.63
CA ASP A 124 -1.02 -20.37 -7.09
C ASP A 124 -0.82 -19.33 -8.19
N ILE A 125 -0.81 -18.06 -7.78
CA ILE A 125 -0.24 -17.03 -8.59
C ILE A 125 1.27 -17.24 -8.74
N PHE A 126 1.79 -17.06 -9.95
CA PHE A 126 3.21 -17.13 -10.24
C PHE A 126 3.74 -15.72 -10.35
N VAL A 127 4.85 -15.44 -9.70
CA VAL A 127 5.48 -14.12 -9.73
C VAL A 127 6.84 -14.27 -10.42
N THR A 128 7.04 -13.52 -11.50
CA THR A 128 8.30 -13.59 -12.23
C THR A 128 9.34 -12.72 -11.60
N PRO A 129 10.61 -13.07 -11.78
CA PRO A 129 11.64 -12.05 -11.63
C PRO A 129 11.33 -10.85 -12.51
N ALA A 130 11.97 -9.72 -12.23
CA ALA A 130 11.84 -8.59 -13.10
C ALA A 130 12.48 -8.91 -14.47
N TYR A 131 11.87 -8.39 -15.52
CA TYR A 131 12.38 -8.63 -16.89
C TYR A 131 11.81 -7.53 -17.80
N LEU A 132 12.43 -7.38 -18.97
CA LEU A 132 11.97 -6.42 -19.97
C LEU A 132 10.71 -6.87 -20.71
N ASP A 133 9.61 -6.18 -20.48
CA ASP A 133 8.35 -6.45 -21.19
C ASP A 133 8.58 -6.16 -22.66
N THR A 134 8.10 -7.10 -23.48
CA THR A 134 8.26 -6.94 -24.92
C THR A 134 7.22 -6.00 -25.55
N VAL A 135 6.08 -5.83 -24.87
CA VAL A 135 5.02 -5.00 -25.44
C VAL A 135 5.40 -3.51 -25.34
N LEU A 136 5.79 -3.07 -24.14
CA LEU A 136 6.03 -1.65 -23.90
C LEU A 136 7.51 -1.37 -23.54
N LYS A 137 8.35 -2.40 -23.52
CA LYS A 137 9.80 -2.25 -23.30
C LYS A 137 10.11 -1.41 -22.04
N GLN A 138 9.45 -1.82 -20.95
CA GLN A 138 9.82 -1.45 -19.58
C GLN A 138 10.09 -2.68 -18.74
N TYR A 139 10.92 -2.57 -17.70
CA TYR A 139 11.08 -3.66 -16.76
C TYR A 139 9.83 -3.83 -15.90
N VAL A 140 9.38 -5.09 -15.80
CA VAL A 140 8.15 -5.41 -15.12
C VAL A 140 8.34 -6.62 -14.24
N ILE A 141 7.47 -6.73 -13.24
CA ILE A 141 7.21 -7.94 -12.48
C ILE A 141 5.85 -8.40 -12.96
N THR A 142 5.75 -9.67 -13.35
CA THR A 142 4.48 -10.21 -13.84
C THR A 142 3.91 -11.17 -12.82
N TYR A 143 2.59 -11.01 -12.57
CA TYR A 143 1.80 -11.89 -11.75
C TYR A 143 0.92 -12.65 -12.74
N SER A 144 1.03 -13.97 -12.76
CA SER A 144 0.23 -14.77 -13.68
C SER A 144 -0.57 -15.81 -12.92
N LYS A 145 -1.68 -16.24 -13.52
CA LYS A 145 -2.58 -17.18 -12.86
C LYS A 145 -3.41 -17.88 -13.93
N ALA A 146 -3.37 -19.19 -13.88
CA ALA A 146 -4.26 -19.99 -14.73
C ALA A 146 -5.65 -19.91 -14.18
N ILE A 147 -6.58 -19.54 -15.06
N ILE A 147 -6.58 -19.46 -15.02
CA ILE A 147 -7.95 -19.25 -14.68
CA ILE A 147 -7.95 -19.28 -14.64
C ILE A 147 -8.83 -20.43 -15.07
C ILE A 147 -8.72 -20.52 -15.03
N TYR A 148 -9.50 -21.04 -14.09
CA TYR A 148 -10.36 -22.20 -14.30
C TYR A 148 -11.78 -21.87 -13.99
N LYS A 149 -12.70 -22.46 -14.74
CA LYS A 149 -14.12 -22.37 -14.45
C LYS A 149 -14.68 -23.78 -14.44
N ASP A 150 -15.19 -24.24 -13.29
CA ASP A 150 -15.71 -25.59 -13.14
C ASP A 150 -14.63 -26.59 -13.54
N GLY A 151 -13.37 -26.29 -13.19
CA GLY A 151 -12.26 -27.21 -13.49
C GLY A 151 -11.70 -27.13 -14.90
N LYS A 152 -12.33 -26.32 -15.72
CA LYS A 152 -11.94 -26.13 -17.09
C LYS A 152 -11.06 -24.90 -17.23
N ILE A 153 -9.91 -25.07 -17.87
CA ILE A 153 -9.05 -23.90 -18.06
C ILE A 153 -9.63 -22.94 -19.07
N ILE A 154 -9.65 -21.65 -18.72
CA ILE A 154 -10.04 -20.61 -19.64
C ILE A 154 -8.83 -20.00 -20.34
N GLY A 155 -7.82 -19.64 -19.55
CA GLY A 155 -6.56 -19.17 -20.07
C GLY A 155 -5.68 -18.74 -18.91
N VAL A 156 -4.55 -18.14 -19.26
CA VAL A 156 -3.58 -17.65 -18.26
C VAL A 156 -3.68 -16.13 -18.23
N LEU A 157 -4.04 -15.62 -17.06
CA LEU A 157 -4.07 -14.18 -16.81
C LEU A 157 -2.66 -13.70 -16.45
N GLY A 158 -2.29 -12.54 -16.99
CA GLY A 158 -1.08 -11.89 -16.57
C GLY A 158 -1.29 -10.42 -16.31
N VAL A 159 -0.56 -9.95 -15.30
CA VAL A 159 -0.62 -8.57 -14.83
C VAL A 159 0.83 -8.06 -14.70
N ASP A 160 1.18 -7.03 -15.45
CA ASP A 160 2.55 -6.46 -15.44
C ASP A 160 2.55 -5.18 -14.64
N ILE A 161 3.36 -5.17 -13.59
CA ILE A 161 3.56 -3.99 -12.78
C ILE A 161 5.00 -3.52 -12.97
N PRO A 162 5.23 -2.23 -13.26
CA PRO A 162 6.61 -1.78 -13.44
C PRO A 162 7.44 -2.06 -12.20
N SER A 163 8.62 -2.65 -12.38
CA SER A 163 9.50 -2.93 -11.28
C SER A 163 9.95 -1.63 -10.62
N GLU A 164 9.96 -0.54 -11.37
CA GLU A 164 10.27 0.79 -10.80
C GLU A 164 9.33 1.10 -9.64
N ASP A 165 8.10 0.63 -9.66
CA ASP A 165 7.18 0.91 -8.58
C ASP A 165 7.73 0.38 -7.27
N LEU A 166 8.23 -0.84 -7.28
CA LEU A 166 8.81 -1.43 -6.06
C LEU A 166 10.13 -0.73 -5.74
N GLN A 167 10.95 -0.45 -6.75
CA GLN A 167 12.24 0.25 -6.52
C GLN A 167 11.97 1.56 -5.80
N ASN A 168 11.00 2.33 -6.27
CA ASN A 168 10.65 3.62 -5.70
C ASN A 168 10.17 3.48 -4.28
N LEU A 169 9.35 2.49 -3.98
CA LEU A 169 8.89 2.27 -2.62
C LEU A 169 10.03 1.95 -1.68
N VAL A 170 10.96 1.08 -2.08
CA VAL A 170 12.10 0.75 -1.27
C VAL A 170 12.97 2.00 -1.03
N ALA A 171 13.18 2.78 -2.08
CA ALA A 171 14.04 3.93 -2.00
C ALA A 171 13.57 4.95 -0.98
N LYS A 172 12.25 5.05 -0.78
CA LYS A 172 11.62 5.99 0.13
C LYS A 172 11.74 5.59 1.59
N THR A 173 12.12 4.35 1.87
CA THR A 173 12.13 3.84 3.23
C THR A 173 13.26 4.51 4.00
N PRO A 174 13.09 4.66 5.31
CA PRO A 174 14.20 5.11 6.13
C PRO A 174 15.34 4.10 6.12
N GLY A 175 16.53 4.55 6.50
CA GLY A 175 17.63 3.67 6.61
C GLY A 175 18.37 3.44 5.31
N ASN A 176 19.62 3.04 5.43
CA ASN A 176 20.46 2.68 4.31
C ASN A 176 20.16 1.26 3.90
N THR A 177 18.97 1.06 3.35
CA THR A 177 18.46 -0.28 3.03
C THR A 177 18.49 -0.46 1.53
N PHE A 178 18.58 -1.73 1.13
CA PHE A 178 18.72 -2.06 -0.28
C PHE A 178 18.32 -3.50 -0.50
N LEU A 179 18.01 -3.83 -1.76
CA LEU A 179 17.55 -5.18 -2.12
C LEU A 179 18.47 -5.72 -3.21
N PHE A 180 18.82 -6.98 -3.08
CA PHE A 180 19.42 -7.76 -4.14
C PHE A 180 18.33 -8.67 -4.73
N ASP A 181 18.43 -8.93 -6.04
CA ASP A 181 17.55 -9.91 -6.68
C ASP A 181 18.09 -11.31 -6.47
N GLN A 182 17.41 -12.19 -7.13
CA GLN A 182 17.70 -13.60 -7.14
C GLN A 182 19.16 -13.94 -7.46
N LYS A 183 19.76 -13.19 -8.34
CA LYS A 183 21.10 -13.43 -8.82
C LYS A 183 22.15 -12.65 -8.02
N ASN A 184 21.74 -12.14 -6.84
CA ASN A 184 22.57 -11.29 -5.96
C ASN A 184 23.09 -10.04 -6.66
N LYS A 185 22.29 -9.54 -7.59
CA LYS A 185 22.51 -8.23 -8.22
C LYS A 185 21.63 -7.19 -7.53
N ILE A 186 22.21 -6.02 -7.31
CA ILE A 186 21.52 -4.92 -6.73
C ILE A 186 20.32 -4.46 -7.54
N PHE A 187 19.19 -4.34 -6.88
CA PHE A 187 17.88 -4.11 -7.47
C PHE A 187 17.24 -2.79 -7.05
N ALA A 188 17.33 -2.48 -5.76
CA ALA A 188 16.74 -1.28 -5.23
C ALA A 188 17.56 -0.76 -4.06
N ALA A 189 17.52 0.55 -3.83
CA ALA A 189 18.33 1.15 -2.74
C ALA A 189 17.80 2.52 -2.39
N THR A 190 17.86 2.87 -1.11
CA THR A 190 17.60 4.21 -0.67
C THR A 190 18.63 5.20 -1.19
N ASN A 191 19.90 4.80 -1.19
CA ASN A 191 20.95 5.63 -1.70
C ASN A 191 21.12 5.23 -3.15
N LYS A 192 20.77 6.15 -4.05
CA LYS A 192 20.78 5.89 -5.48
C LYS A 192 22.17 5.52 -5.95
N GLU A 193 23.19 6.00 -5.25
CA GLU A 193 24.56 5.77 -5.70
C GLU A 193 24.87 4.27 -5.60
N LEU A 194 24.21 3.54 -4.67
CA LEU A 194 24.49 2.11 -4.51
C LEU A 194 24.15 1.31 -5.73
N LEU A 195 23.37 1.88 -6.63
CA LEU A 195 23.07 1.17 -7.86
C LEU A 195 24.21 1.26 -8.92
N ASN A 196 25.33 1.94 -8.61
CA ASN A 196 26.48 1.97 -9.51
C ASN A 196 26.88 0.50 -9.70
N PRO A 197 26.84 -0.01 -10.93
CA PRO A 197 26.86 -1.47 -11.19
C PRO A 197 28.25 -2.08 -10.98
N SER A 198 29.27 -1.24 -10.87
CA SER A 198 30.62 -1.67 -10.60
C SER A 198 30.94 -1.82 -9.12
N ILE A 199 29.97 -1.53 -8.26
CA ILE A 199 30.21 -1.67 -6.84
C ILE A 199 30.22 -3.16 -6.46
N ASP A 200 31.25 -3.59 -5.77
CA ASP A 200 31.25 -4.96 -5.25
C ASP A 200 30.45 -5.03 -3.94
N HIS A 201 29.61 -6.05 -3.76
CA HIS A 201 28.93 -6.27 -2.50
C HIS A 201 29.32 -7.59 -1.77
N SER A 202 30.50 -8.12 -2.09
CA SER A 202 30.98 -9.37 -1.51
C SER A 202 31.06 -9.35 0.02
N PRO A 203 31.56 -8.27 0.62
CA PRO A 203 31.69 -8.25 2.05
C PRO A 203 30.37 -8.35 2.78
N VAL A 204 29.39 -7.57 2.34
N VAL A 204 29.37 -7.62 2.31
CA VAL A 204 28.07 -7.65 2.96
CA VAL A 204 28.10 -7.67 3.00
C VAL A 204 27.53 -9.05 2.72
C VAL A 204 27.38 -8.98 2.67
N LEU A 205 27.57 -9.50 1.45
CA LEU A 205 26.97 -10.78 1.11
C LEU A 205 27.62 -11.94 1.87
N ASN A 206 28.95 -11.91 1.94
CA ASN A 206 29.68 -12.92 2.69
C ASN A 206 29.40 -12.86 4.18
N ALA A 207 29.27 -11.65 4.72
CA ALA A 207 28.89 -11.52 6.13
C ALA A 207 27.47 -12.05 6.35
N TYR A 208 26.56 -11.79 5.41
CA TYR A 208 25.22 -12.33 5.51
C TYR A 208 25.23 -13.86 5.47
N LYS A 209 26.03 -14.43 4.57
CA LYS A 209 26.08 -15.89 4.44
C LYS A 209 26.68 -16.54 5.70
N LEU A 210 27.65 -15.86 6.31
CA LEU A 210 28.24 -16.32 7.56
C LEU A 210 27.29 -16.23 8.75
N ASN A 211 26.41 -15.21 8.74
CA ASN A 211 25.58 -14.87 9.92
C ASN A 211 24.08 -15.24 9.85
N GLY A 212 23.52 -15.29 8.66
CA GLY A 212 22.09 -15.63 8.51
C GLY A 212 21.09 -14.50 8.70
N ASP A 213 19.82 -14.83 8.54
CA ASP A 213 18.74 -13.85 8.43
C ASP A 213 18.66 -13.05 9.72
N ASN A 214 18.64 -11.73 9.57
CA ASN A 214 18.34 -10.80 10.64
C ASN A 214 19.40 -10.76 11.73
N ASN A 215 20.58 -11.32 11.46
CA ASN A 215 21.65 -11.35 12.44
C ASN A 215 22.63 -10.24 12.14
N PHE A 216 22.74 -9.29 13.07
CA PHE A 216 23.57 -8.09 12.93
C PHE A 216 25.02 -8.52 12.94
N PHE A 217 25.81 -7.94 12.05
CA PHE A 217 27.21 -8.28 11.85
C PHE A 217 28.08 -7.03 11.67
N SER A 218 29.39 -7.21 11.86
CA SER A 218 30.38 -6.18 11.59
C SER A 218 31.12 -6.62 10.34
N TYR A 219 31.55 -5.65 9.56
CA TYR A 219 32.41 -5.87 8.42
C TYR A 219 33.21 -4.60 8.15
N LYS A 220 34.14 -4.69 7.21
CA LYS A 220 35.04 -3.58 6.90
C LYS A 220 34.79 -3.01 5.52
N LEU A 221 34.96 -1.70 5.42
CA LEU A 221 35.00 -0.94 4.15
C LEU A 221 36.07 0.15 4.28
N ASN A 222 37.11 0.05 3.48
CA ASN A 222 38.25 1.01 3.51
C ASN A 222 38.91 1.11 4.90
N ASN A 223 39.03 -0.05 5.58
CA ASN A 223 39.76 -0.17 6.85
C ASN A 223 38.92 0.36 8.01
N GLU A 224 37.67 0.72 7.71
CA GLU A 224 36.72 1.24 8.70
C GLU A 224 35.62 0.24 8.98
N GLU A 225 35.14 0.21 10.23
CA GLU A 225 34.15 -0.75 10.66
C GLU A 225 32.75 -0.29 10.23
N ARG A 226 31.94 -1.23 9.77
CA ARG A 226 30.54 -0.99 9.51
C ARG A 226 29.74 -2.13 10.13
N LEU A 227 28.45 -1.91 10.27
CA LEU A 227 27.53 -2.83 10.92
C LEU A 227 26.37 -3.02 9.92
N GLY A 228 25.82 -4.22 9.89
CA GLY A 228 24.72 -4.45 9.02
C GLY A 228 23.98 -5.73 9.31
N ALA A 229 22.91 -5.96 8.54
CA ALA A 229 22.14 -7.18 8.64
C ALA A 229 21.42 -7.35 7.32
N CYS A 230 21.13 -8.61 6.96
CA CYS A 230 20.37 -8.89 5.77
C CYS A 230 19.35 -9.95 6.14
N THR A 231 18.33 -10.10 5.28
CA THR A 231 17.39 -11.17 5.43
C THR A 231 16.78 -11.49 4.07
N LYS A 232 16.39 -12.75 3.87
CA LYS A 232 15.66 -13.15 2.66
C LYS A 232 14.23 -12.60 2.70
N VAL A 233 13.79 -12.07 1.57
CA VAL A 233 12.42 -11.67 1.41
C VAL A 233 11.99 -12.18 0.05
N PHE A 234 11.17 -13.21 0.06
CA PHE A 234 10.91 -13.99 -1.16
C PHE A 234 12.25 -14.40 -1.77
N ALA A 235 12.46 -14.17 -3.05
CA ALA A 235 13.73 -14.48 -3.64
C ALA A 235 14.76 -13.34 -3.53
N TYR A 236 14.35 -12.23 -2.94
CA TYR A 236 15.23 -11.10 -2.73
C TYR A 236 16.07 -11.27 -1.45
N THR A 237 17.16 -10.52 -1.37
CA THR A 237 17.88 -10.28 -0.15
C THR A 237 17.83 -8.82 0.20
N ALA A 238 17.22 -8.52 1.34
CA ALA A 238 17.18 -7.15 1.86
C ALA A 238 18.29 -6.93 2.86
N CYS A 239 18.98 -5.78 2.77
CA CYS A 239 20.07 -5.49 3.67
C CYS A 239 19.95 -4.06 4.17
N ILE A 240 20.60 -3.83 5.32
CA ILE A 240 20.85 -2.49 5.83
C ILE A 240 22.30 -2.47 6.30
N THR A 241 22.98 -1.33 6.11
CA THR A 241 24.31 -1.17 6.68
C THR A 241 24.49 0.27 7.14
N GLU A 242 25.39 0.45 8.10
CA GLU A 242 25.71 1.77 8.67
C GLU A 242 27.16 1.76 9.10
N SER A 243 27.70 2.95 9.34
CA SER A 243 28.98 3.08 9.97
C SER A 243 28.90 2.57 11.40
N ALA A 244 30.01 1.98 11.87
CA ALA A 244 30.13 1.58 13.28
C ALA A 244 30.54 2.71 14.22
N ASP A 245 30.62 3.94 13.74
CA ASP A 245 31.00 5.09 14.57
C ASP A 245 30.11 5.22 15.82
N ILE A 246 28.82 4.89 15.68
CA ILE A 246 27.88 5.00 16.78
C ILE A 246 28.34 4.20 17.99
N ILE A 247 29.04 3.07 17.79
CA ILE A 247 29.50 2.30 18.94
C ILE A 247 30.93 2.69 19.28
N ASN A 248 31.65 3.27 18.35
CA ASN A 248 33.08 3.43 18.54
C ASN A 248 33.51 4.83 18.98
N LYS A 249 32.67 5.84 18.74
CA LYS A 249 33.11 7.23 18.82
C LYS A 249 32.37 8.03 19.90
N GLY B 1 17.67 21.12 36.55
CA GLY B 1 18.36 21.53 35.29
C GLY B 1 18.22 20.54 34.16
N ILE B 2 19.13 20.61 33.20
CA ILE B 2 19.16 19.73 32.06
C ILE B 2 19.47 18.30 32.54
N ASP B 3 18.69 17.34 32.09
CA ASP B 3 18.91 15.94 32.40
C ASP B 3 20.19 15.51 31.69
N PRO B 4 21.20 15.09 32.44
CA PRO B 4 22.48 14.73 31.83
C PRO B 4 22.38 13.69 30.72
N PHE B 5 21.39 12.81 30.82
CA PHE B 5 21.30 11.76 29.82
C PHE B 5 21.04 12.35 28.44
N THR B 6 20.39 13.52 28.40
CA THR B 6 20.03 14.11 27.11
C THR B 6 21.22 14.58 26.31
N LYS B 7 22.40 14.65 26.95
CA LYS B 7 23.64 15.01 26.26
C LYS B 7 24.42 13.83 25.69
N THR B 8 23.93 12.61 25.88
CA THR B 8 24.61 11.42 25.43
C THR B 8 24.35 11.09 23.96
N SER B 9 25.29 10.39 23.36
CA SER B 9 25.10 9.89 22.01
C SER B 9 24.00 8.82 22.00
N LEU B 10 23.86 8.08 23.10
CA LEU B 10 22.81 7.08 23.18
C LEU B 10 21.43 7.73 23.09
N TYR B 11 21.20 8.79 23.87
CA TYR B 11 19.97 9.53 23.81
C TYR B 11 19.67 10.03 22.40
N GLU B 12 20.67 10.63 21.78
CA GLU B 12 20.54 11.13 20.44
C GLU B 12 20.14 9.96 19.48
N SER B 13 20.86 8.84 19.59
CA SER B 13 20.58 7.63 18.81
C SER B 13 19.11 7.20 18.97
N THR B 14 18.71 7.20 20.23
CA THR B 14 17.37 6.77 20.59
C THR B 14 16.31 7.67 19.96
N LEU B 15 16.48 8.97 20.03
CA LEU B 15 15.51 9.86 19.45
C LEU B 15 15.49 9.75 17.90
N LYS B 16 16.64 9.55 17.31
CA LYS B 16 16.72 9.32 15.88
C LYS B 16 15.85 8.11 15.48
N ASN B 17 15.94 7.03 16.24
CA ASN B 17 15.13 5.86 16.00
C ASN B 17 13.65 6.16 16.10
N GLN B 18 13.26 6.90 17.12
CA GLN B 18 11.85 7.23 17.32
C GLN B 18 11.36 8.11 16.21
N THR B 19 12.20 9.05 15.77
CA THR B 19 11.86 9.90 14.65
C THR B 19 11.62 9.06 13.38
N ASP B 20 12.53 8.12 13.13
CA ASP B 20 12.40 7.27 11.97
C ASP B 20 11.09 6.51 12.01
N LEU B 21 10.78 5.95 13.17
CA LEU B 21 9.57 5.15 13.27
C LEU B 21 8.33 5.97 13.14
N LEU B 22 8.32 7.18 13.71
CA LEU B 22 7.19 8.06 13.52
C LEU B 22 6.97 8.34 12.03
N LYS B 23 8.06 8.54 11.31
CA LYS B 23 7.97 8.86 9.89
C LYS B 23 7.38 7.67 9.12
N VAL B 24 7.69 6.46 9.56
CA VAL B 24 7.09 5.28 8.93
C VAL B 24 5.55 5.29 9.03
N THR B 25 5.06 5.68 10.18
CA THR B 25 3.62 5.80 10.39
C THR B 25 3.05 6.94 9.57
N GLN B 26 3.76 8.06 9.50
CA GLN B 26 3.36 9.12 8.60
C GLN B 26 3.23 8.63 7.15
N SER B 27 4.26 7.95 6.66
CA SER B 27 4.27 7.43 5.32
C SER B 27 3.11 6.49 5.09
N THR B 28 2.79 5.70 6.10
CA THR B 28 1.69 4.73 5.98
C THR B 28 0.40 5.48 5.64
N VAL B 29 0.13 6.56 6.38
CA VAL B 29 -1.07 7.37 6.17
C VAL B 29 -1.04 8.00 4.78
N GLU B 30 0.09 8.58 4.42
CA GLU B 30 0.23 9.22 3.15
C GLU B 30 -0.02 8.26 1.97
N ASP B 31 0.56 7.08 2.06
CA ASP B 31 0.50 6.11 0.95
C ASP B 31 -0.91 5.56 0.82
N PHE B 32 -1.59 5.36 1.94
CA PHE B 32 -2.96 4.88 1.93
C PHE B 32 -3.82 5.89 1.19
N ARG B 33 -3.66 7.15 1.54
CA ARG B 33 -4.41 8.22 0.91
C ARG B 33 -4.15 8.33 -0.58
N SER B 34 -2.88 8.35 -0.94
N SER B 34 -2.87 8.33 -0.94
N SER B 34 -2.87 8.38 -0.92
CA SER B 34 -2.50 8.52 -2.34
CA SER B 34 -2.51 8.53 -2.34
CA SER B 34 -2.45 8.51 -2.32
C SER B 34 -3.01 7.37 -3.19
C SER B 34 -2.97 7.37 -3.21
C SER B 34 -3.02 7.38 -3.17
N THR B 35 -2.88 6.15 -2.69
CA THR B 35 -3.39 4.99 -3.46
C THR B 35 -4.89 5.09 -3.68
N ASN B 36 -5.61 5.47 -2.63
CA ASN B 36 -7.08 5.56 -2.75
C ASN B 36 -7.52 6.70 -3.61
N GLN B 37 -6.81 7.83 -3.56
CA GLN B 37 -7.07 8.93 -4.46
C GLN B 37 -6.83 8.58 -5.93
N SER B 38 -5.73 7.88 -6.20
N SER B 38 -5.73 7.88 -6.22
CA SER B 38 -5.41 7.51 -7.58
CA SER B 38 -5.43 7.53 -7.61
C SER B 38 -6.45 6.56 -8.12
C SER B 38 -6.40 6.50 -8.14
N PHE B 39 -6.87 5.60 -7.28
CA PHE B 39 -7.97 4.65 -7.64
C PHE B 39 -9.21 5.44 -8.02
N THR B 40 -9.57 6.39 -7.19
CA THR B 40 -10.81 7.15 -7.39
C THR B 40 -10.75 7.99 -8.67
N ARG B 41 -9.62 8.62 -8.92
CA ARG B 41 -9.43 9.35 -10.17
C ARG B 41 -9.53 8.43 -11.41
N ALA B 42 -8.98 7.23 -11.30
CA ALA B 42 -9.05 6.29 -12.41
C ALA B 42 -10.50 5.94 -12.69
N LEU B 43 -11.24 5.67 -11.63
CA LEU B 43 -12.66 5.34 -11.77
C LEU B 43 -13.47 6.46 -12.38
N GLU B 44 -13.23 7.71 -11.95
CA GLU B 44 -13.85 8.85 -12.56
C GLU B 44 -13.59 8.88 -14.06
N LYS B 45 -12.33 8.68 -14.44
CA LYS B 45 -11.97 8.78 -15.84
C LYS B 45 -12.69 7.71 -16.66
N ASP B 46 -12.77 6.47 -16.13
CA ASP B 46 -13.45 5.44 -16.89
C ASP B 46 -14.96 5.71 -16.99
N ILE B 47 -15.58 6.28 -15.97
CA ILE B 47 -16.99 6.61 -16.04
C ILE B 47 -17.25 7.73 -17.05
N ALA B 48 -16.41 8.76 -16.99
CA ALA B 48 -16.55 9.90 -17.87
C ALA B 48 -16.18 9.57 -19.33
N ASN B 49 -15.50 8.45 -19.55
N ASN B 49 -15.51 8.44 -19.52
CA ASN B 49 -15.15 8.04 -20.92
CA ASN B 49 -15.12 7.96 -20.85
C ASN B 49 -16.30 7.27 -21.58
C ASN B 49 -16.33 7.36 -21.58
N LEU B 50 -17.37 7.01 -20.84
CA LEU B 50 -18.58 6.47 -21.44
C LEU B 50 -19.17 7.54 -22.34
N PRO B 51 -19.85 7.17 -23.43
CA PRO B 51 -20.43 8.19 -24.25
C PRO B 51 -21.55 8.96 -23.50
N TYR B 52 -21.73 10.22 -23.89
CA TYR B 52 -22.69 11.10 -23.23
C TYR B 52 -24.07 10.42 -23.11
N GLN B 53 -24.52 9.77 -24.18
CA GLN B 53 -25.83 9.10 -24.17
C GLN B 53 -25.92 7.98 -23.13
N SER B 54 -24.81 7.32 -22.85
CA SER B 54 -24.77 6.27 -21.86
C SER B 54 -24.88 6.78 -20.41
N LEU B 55 -24.74 8.09 -20.23
CA LEU B 55 -24.73 8.70 -18.91
C LEU B 55 -25.98 9.54 -18.59
N ILE B 56 -26.95 9.59 -19.49
CA ILE B 56 -28.06 10.54 -19.34
C ILE B 56 -29.44 9.97 -19.15
N THR B 57 -29.55 8.66 -19.11
CA THR B 57 -30.77 8.03 -18.59
C THR B 57 -30.44 7.04 -17.46
N GLU B 58 -31.42 6.81 -16.61
CA GLU B 58 -31.22 5.92 -15.46
C GLU B 58 -30.91 4.50 -15.91
N GLU B 59 -31.64 4.01 -16.92
CA GLU B 59 -31.36 2.71 -17.50
C GLU B 59 -29.94 2.60 -18.05
N ASN B 60 -29.46 3.62 -18.73
CA ASN B 60 -28.13 3.54 -19.31
C ASN B 60 -27.06 3.67 -18.20
N ILE B 61 -27.33 4.45 -17.16
CA ILE B 61 -26.41 4.51 -16.02
C ILE B 61 -26.30 3.14 -15.35
N ILE B 62 -27.43 2.51 -15.06
CA ILE B 62 -27.41 1.23 -14.42
C ILE B 62 -26.59 0.25 -15.25
N ASN B 63 -26.93 0.20 -16.55
CA ASN B 63 -26.32 -0.80 -17.44
C ASN B 63 -24.86 -0.56 -17.73
N ASN B 64 -24.46 0.72 -17.83
CA ASN B 64 -23.14 1.07 -18.28
C ASN B 64 -22.17 1.47 -17.17
N VAL B 65 -22.64 2.22 -16.18
CA VAL B 65 -21.80 2.56 -15.06
C VAL B 65 -21.68 1.43 -14.04
N GLY B 66 -22.78 0.69 -13.84
CA GLY B 66 -22.81 -0.32 -12.83
C GLY B 66 -21.62 -1.29 -12.90
N PRO B 67 -21.37 -1.88 -14.07
CA PRO B 67 -20.29 -2.83 -14.15
C PRO B 67 -18.91 -2.21 -13.77
N ILE B 68 -18.71 -0.97 -14.15
CA ILE B 68 -17.47 -0.28 -13.82
C ILE B 68 -17.32 -0.17 -12.32
N LEU B 69 -18.39 0.22 -11.63
CA LEU B 69 -18.30 0.31 -10.16
C LEU B 69 -17.92 -1.02 -9.56
N LYS B 70 -18.58 -2.08 -10.04
N LYS B 70 -18.57 -2.08 -10.04
CA LYS B 70 -18.40 -3.41 -9.47
CA LYS B 70 -18.40 -3.40 -9.46
C LYS B 70 -16.98 -3.90 -9.69
C LYS B 70 -16.98 -3.95 -9.69
N TYR B 71 -16.49 -3.80 -10.91
CA TYR B 71 -15.15 -4.24 -11.20
C TYR B 71 -14.10 -3.46 -10.39
N TYR B 72 -14.28 -2.15 -10.35
CA TYR B 72 -13.38 -1.32 -9.52
C TYR B 72 -13.44 -1.74 -8.05
N ARG B 73 -14.65 -1.90 -7.52
CA ARG B 73 -14.84 -2.30 -6.13
C ARG B 73 -14.03 -3.58 -5.84
N HIS B 74 -14.17 -4.57 -6.73
CA HIS B 74 -13.45 -5.81 -6.53
C HIS B 74 -11.94 -5.61 -6.57
N SER B 75 -11.51 -4.80 -7.51
CA SER B 75 -10.08 -4.66 -7.77
C SER B 75 -9.28 -4.24 -6.53
N ILE B 76 -9.90 -3.40 -5.68
CA ILE B 76 -9.26 -2.91 -4.47
C ILE B 76 -9.89 -3.43 -3.17
N ASN B 77 -10.94 -4.24 -3.28
CA ASN B 77 -11.68 -4.72 -2.12
C ASN B 77 -12.26 -3.56 -1.33
N ALA B 78 -12.87 -2.60 -2.03
CA ALA B 78 -13.58 -1.51 -1.39
C ALA B 78 -14.87 -2.03 -0.74
N LEU B 79 -15.40 -1.31 0.25
CA LEU B 79 -16.63 -1.71 0.91
C LEU B 79 -17.83 -1.34 0.08
N ASN B 80 -17.84 -0.11 -0.45
CA ASN B 80 -18.88 0.37 -1.34
C ASN B 80 -18.24 1.23 -2.39
N VAL B 81 -18.83 1.24 -3.57
CA VAL B 81 -18.52 2.15 -4.66
C VAL B 81 -19.84 2.57 -5.24
N TYR B 82 -20.07 3.86 -5.43
CA TYR B 82 -21.36 4.37 -5.80
C TYR B 82 -21.31 5.64 -6.59
N LEU B 83 -22.35 5.89 -7.37
CA LEU B 83 -22.58 7.13 -8.07
C LEU B 83 -23.89 7.73 -7.59
N GLY B 84 -23.81 8.89 -6.95
CA GLY B 84 -25.00 9.60 -6.54
C GLY B 84 -25.45 10.57 -7.59
N LEU B 85 -26.68 10.44 -8.07
CA LEU B 85 -27.17 11.25 -9.19
C LEU B 85 -27.74 12.57 -8.71
N ASN B 86 -27.82 13.51 -9.66
CA ASN B 86 -28.40 14.82 -9.42
C ASN B 86 -29.78 14.77 -8.76
N ASN B 87 -30.57 13.78 -9.14
CA ASN B 87 -31.96 13.65 -8.68
C ASN B 87 -32.10 12.93 -7.34
N GLY B 88 -30.96 12.52 -6.77
CA GLY B 88 -30.96 11.96 -5.42
C GLY B 88 -30.93 10.44 -5.37
N LYS B 89 -31.07 9.78 -6.51
CA LYS B 89 -30.89 8.34 -6.52
C LYS B 89 -29.38 7.99 -6.52
N VAL B 90 -29.05 6.76 -6.18
N VAL B 90 -29.07 6.78 -6.09
CA VAL B 90 -27.65 6.34 -6.07
CA VAL B 90 -27.71 6.29 -6.08
C VAL B 90 -27.46 4.94 -6.60
C VAL B 90 -27.61 4.95 -6.77
N LEU B 91 -26.57 4.81 -7.57
CA LEU B 91 -26.16 3.53 -8.06
C LEU B 91 -25.12 2.97 -7.13
N LEU B 92 -25.44 1.89 -6.43
CA LEU B 92 -24.65 1.40 -5.31
C LEU B 92 -24.09 0.01 -5.56
N SER B 93 -22.77 -0.13 -5.56
CA SER B 93 -22.09 -1.41 -5.61
C SER B 93 -21.54 -1.75 -4.21
N GLN B 94 -22.01 -2.83 -3.62
CA GLN B 94 -21.60 -3.16 -2.27
C GLN B 94 -21.19 -4.54 -2.06
N LYS B 95 -20.14 -4.66 -1.23
CA LYS B 95 -19.63 -5.93 -0.77
C LYS B 95 -20.81 -6.80 -0.25
N SER B 96 -21.11 -7.88 -0.97
CA SER B 96 -22.23 -8.76 -0.59
C SER B 96 -22.41 -9.92 -1.55
N ALA B 99 -23.07 -10.41 -5.46
CA ALA B 99 -23.85 -11.50 -6.05
C ALA B 99 -24.66 -10.98 -7.23
N LYS B 100 -25.11 -9.73 -7.16
CA LYS B 100 -25.92 -9.14 -8.22
C LYS B 100 -25.34 -7.80 -8.69
N MET B 101 -25.98 -7.21 -9.69
CA MET B 101 -25.46 -5.99 -10.25
C MET B 101 -25.82 -4.82 -9.37
N PRO B 102 -25.04 -3.73 -9.46
CA PRO B 102 -25.43 -2.54 -8.72
C PRO B 102 -26.87 -2.10 -9.01
N GLU B 103 -27.57 -1.68 -7.96
CA GLU B 103 -28.94 -1.25 -8.07
C GLU B 103 -29.03 0.25 -7.86
N LEU B 104 -30.03 0.85 -8.49
CA LEU B 104 -30.36 2.25 -8.32
C LEU B 104 -31.33 2.43 -7.17
N ARG B 105 -30.80 2.92 -6.06
CA ARG B 105 -31.58 3.10 -4.84
C ARG B 105 -32.15 4.51 -4.81
N ASP B 106 -33.44 4.65 -4.48
CA ASP B 106 -34.04 5.99 -4.34
C ASP B 106 -34.39 6.33 -2.89
N ASP B 107 -34.00 5.46 -1.99
CA ASP B 107 -34.41 5.57 -0.60
C ASP B 107 -33.25 5.94 0.32
N LEU B 108 -32.26 6.68 -0.19
CA LEU B 108 -31.02 6.92 0.56
C LEU B 108 -30.68 8.41 0.87
N ASP B 109 -31.42 9.36 0.33
CA ASP B 109 -31.29 10.78 0.73
C ASP B 109 -29.83 11.24 0.73
N ILE B 110 -29.21 11.31 -0.43
CA ILE B 110 -27.78 11.65 -0.53
C ILE B 110 -27.43 13.13 -0.56
N LYS B 111 -28.35 13.98 -1.02
CA LYS B 111 -27.95 15.31 -1.48
C LYS B 111 -27.46 16.23 -0.34
N THR B 112 -27.65 15.83 0.92
CA THR B 112 -27.19 16.65 2.04
C THR B 112 -26.00 16.00 2.74
N LYS B 113 -25.46 14.94 2.16
CA LYS B 113 -24.25 14.15 2.61
C LYS B 113 -23.00 15.01 2.36
N ASP B 114 -22.09 15.03 3.32
CA ASP B 114 -20.81 15.74 3.17
C ASP B 114 -20.03 15.25 1.96
N TRP B 115 -20.03 13.94 1.71
CA TRP B 115 -19.23 13.44 0.59
C TRP B 115 -19.82 13.97 -0.70
N TYR B 116 -21.14 14.15 -0.69
CA TYR B 116 -21.82 14.62 -1.88
C TYR B 116 -21.58 16.11 -2.03
N GLN B 117 -21.99 16.85 -1.01
CA GLN B 117 -21.93 18.30 -1.09
C GLN B 117 -20.53 18.84 -1.29
N GLU B 118 -19.56 18.25 -0.60
CA GLU B 118 -18.19 18.74 -0.69
C GLU B 118 -17.54 18.50 -2.04
N ALA B 119 -17.89 17.39 -2.66
CA ALA B 119 -17.36 17.07 -3.97
C ALA B 119 -17.81 18.09 -5.00
N LEU B 120 -19.00 18.66 -4.84
CA LEU B 120 -19.50 19.64 -5.79
C LEU B 120 -18.78 20.99 -5.66
N LYS B 121 -18.07 21.18 -4.55
CA LYS B 121 -17.49 22.49 -4.26
C LYS B 121 -16.04 22.52 -4.68
N THR B 122 -15.51 21.36 -5.03
CA THR B 122 -14.10 21.25 -5.39
C THR B 122 -13.97 20.42 -6.65
N ASN B 123 -13.00 20.73 -7.41
CA ASN B 123 -12.65 19.88 -8.51
C ASN B 123 -11.75 18.77 -8.01
N ASP B 124 -11.41 18.73 -6.76
CA ASP B 124 -10.53 17.72 -6.21
C ASP B 124 -11.33 16.54 -5.72
N ILE B 125 -10.61 15.47 -5.39
CA ILE B 125 -11.20 14.43 -4.55
C ILE B 125 -11.40 14.99 -3.17
N PHE B 126 -12.55 14.70 -2.61
CA PHE B 126 -12.82 15.01 -1.22
C PHE B 126 -12.63 13.80 -0.38
N VAL B 127 -11.99 13.94 0.76
CA VAL B 127 -11.71 12.85 1.69
C VAL B 127 -12.45 13.11 2.97
N THR B 128 -13.42 12.28 3.31
CA THR B 128 -14.14 12.48 4.57
C THR B 128 -13.36 11.99 5.79
N PRO B 129 -13.58 12.60 6.96
CA PRO B 129 -13.24 11.85 8.16
C PRO B 129 -13.94 10.52 8.21
N ALA B 130 -13.44 9.61 9.03
CA ALA B 130 -14.19 8.37 9.24
C ALA B 130 -15.58 8.68 9.79
N TYR B 131 -16.56 7.94 9.32
CA TYR B 131 -17.88 7.98 9.87
C TYR B 131 -18.55 6.60 9.62
N LEU B 132 -19.65 6.34 10.30
CA LEU B 132 -20.30 5.03 10.24
C LEU B 132 -21.13 4.96 8.97
N ASP B 133 -20.75 4.09 8.08
CA ASP B 133 -21.48 3.94 6.83
C ASP B 133 -22.99 3.71 7.10
N THR B 134 -23.86 4.37 6.31
CA THR B 134 -25.30 4.26 6.42
C THR B 134 -25.75 2.87 5.98
N VAL B 135 -25.02 2.30 5.02
CA VAL B 135 -25.44 1.07 4.36
C VAL B 135 -24.94 -0.21 5.05
N LEU B 136 -23.64 -0.43 5.18
CA LEU B 136 -23.13 -1.69 5.77
C LEU B 136 -22.68 -1.49 7.23
N LYS B 137 -22.91 -0.31 7.78
CA LYS B 137 -22.66 -0.06 9.21
C LYS B 137 -21.25 -0.46 9.68
N GLN B 138 -20.27 -0.20 8.83
CA GLN B 138 -18.87 -0.12 9.26
C GLN B 138 -18.35 1.30 9.18
N TYR B 139 -17.29 1.58 9.92
CA TYR B 139 -16.63 2.86 9.81
C TYR B 139 -15.82 2.93 8.54
N VAL B 140 -16.06 3.96 7.75
CA VAL B 140 -15.40 4.08 6.49
C VAL B 140 -14.75 5.44 6.36
N ILE B 141 -13.71 5.49 5.52
CA ILE B 141 -13.26 6.72 4.90
C ILE B 141 -13.75 6.74 3.49
N THR B 142 -14.36 7.85 3.10
CA THR B 142 -14.96 8.02 1.81
C THR B 142 -14.14 8.98 0.99
N TYR B 143 -13.87 8.59 -0.24
CA TYR B 143 -13.25 9.45 -1.25
C TYR B 143 -14.32 9.75 -2.28
N SER B 144 -14.60 11.01 -2.54
CA SER B 144 -15.64 11.41 -3.46
C SER B 144 -15.18 12.41 -4.49
N LYS B 145 -15.80 12.38 -5.67
CA LYS B 145 -15.44 13.21 -6.80
C LYS B 145 -16.65 13.48 -7.68
N ALA B 146 -16.94 14.74 -7.97
CA ALA B 146 -17.95 15.10 -8.94
C ALA B 146 -17.52 14.64 -10.31
N ILE B 147 -18.44 14.02 -11.03
N ILE B 147 -18.46 14.01 -11.01
CA ILE B 147 -18.16 13.49 -12.34
CA ILE B 147 -18.22 13.47 -12.34
C ILE B 147 -18.86 14.37 -13.34
C ILE B 147 -18.88 14.40 -13.35
N TYR B 148 -18.09 14.90 -14.28
CA TYR B 148 -18.57 15.72 -15.35
C TYR B 148 -18.36 15.00 -16.67
N LYS B 149 -19.32 15.22 -17.55
CA LYS B 149 -19.25 14.77 -18.92
C LYS B 149 -19.53 15.95 -19.85
N ASP B 150 -18.54 16.30 -20.68
CA ASP B 150 -18.64 17.46 -21.56
C ASP B 150 -19.01 18.72 -20.74
N GLY B 151 -18.45 18.77 -19.55
CA GLY B 151 -18.60 19.90 -18.64
C GLY B 151 -19.90 19.95 -17.88
N LYS B 152 -20.68 18.90 -17.95
CA LYS B 152 -21.92 18.85 -17.21
C LYS B 152 -21.92 17.79 -16.14
N ILE B 153 -22.43 18.17 -15.00
CA ILE B 153 -22.43 17.29 -13.84
C ILE B 153 -23.32 16.10 -14.11
N ILE B 154 -22.76 14.93 -13.93
CA ILE B 154 -23.53 13.69 -14.00
C ILE B 154 -23.94 13.22 -12.59
N GLY B 155 -23.00 13.33 -11.65
CA GLY B 155 -23.28 12.98 -10.27
C GLY B 155 -21.99 13.04 -9.52
N VAL B 156 -22.00 12.43 -8.35
CA VAL B 156 -20.85 12.35 -7.48
C VAL B 156 -20.53 10.89 -7.25
N LEU B 157 -19.29 10.54 -7.54
CA LEU B 157 -18.71 9.25 -7.26
C LEU B 157 -18.25 9.19 -5.81
N GLY B 158 -18.51 8.10 -5.13
CA GLY B 158 -17.98 7.80 -3.85
C GLY B 158 -17.36 6.43 -3.72
N VAL B 159 -16.26 6.33 -3.00
CA VAL B 159 -15.54 5.12 -2.72
C VAL B 159 -15.32 4.99 -1.23
N ASP B 160 -15.86 3.94 -0.63
CA ASP B 160 -15.75 3.70 0.83
C ASP B 160 -14.69 2.67 1.04
N ILE B 161 -13.65 3.00 1.80
CA ILE B 161 -12.63 2.07 2.23
C ILE B 161 -12.72 1.96 3.78
N PRO B 162 -12.91 0.79 4.36
CA PRO B 162 -13.09 0.71 5.82
C PRO B 162 -11.93 1.36 6.55
N SER B 163 -12.26 2.27 7.48
CA SER B 163 -11.23 2.90 8.28
C SER B 163 -10.41 1.90 9.04
N GLU B 164 -11.00 0.75 9.33
CA GLU B 164 -10.28 -0.39 9.88
C GLU B 164 -9.12 -0.85 9.02
N ASP B 165 -9.17 -0.64 7.72
CA ASP B 165 -8.00 -0.95 6.82
C ASP B 165 -6.77 -0.05 7.19
N LEU B 166 -7.00 1.21 7.47
CA LEU B 166 -5.89 2.09 7.83
C LEU B 166 -5.44 1.76 9.27
N GLN B 167 -6.40 1.52 10.17
N GLN B 167 -6.41 1.48 10.14
CA GLN B 167 -6.09 1.05 11.51
CA GLN B 167 -6.10 1.06 11.51
C GLN B 167 -5.12 -0.13 11.47
C GLN B 167 -5.20 -0.19 11.57
N ASN B 168 -5.49 -1.17 10.73
CA ASN B 168 -4.64 -2.36 10.63
C ASN B 168 -3.26 -2.09 10.05
N LEU B 169 -3.18 -1.20 9.06
CA LEU B 169 -1.85 -0.79 8.51
C LEU B 169 -0.99 -0.11 9.59
N VAL B 170 -1.56 0.81 10.36
CA VAL B 170 -0.78 1.49 11.38
C VAL B 170 -0.36 0.50 12.46
N ALA B 171 -1.28 -0.42 12.84
CA ALA B 171 -1.00 -1.35 13.91
C ALA B 171 0.23 -2.18 13.61
N LYS B 172 0.45 -2.51 12.34
CA LYS B 172 1.59 -3.36 11.93
C LYS B 172 2.93 -2.66 11.85
N THR B 173 2.95 -1.32 11.95
CA THR B 173 4.24 -0.60 11.91
C THR B 173 5.07 -0.91 13.17
N PRO B 174 6.40 -0.86 13.05
CA PRO B 174 7.25 -0.79 14.24
C PRO B 174 7.07 0.46 15.07
N GLY B 175 7.45 0.33 16.31
CA GLY B 175 7.35 1.44 17.24
C GLY B 175 5.97 1.56 17.83
N ASN B 176 5.92 2.24 18.97
CA ASN B 176 4.67 2.47 19.67
C ASN B 176 3.99 3.70 19.07
N THR B 177 3.51 3.56 17.83
CA THR B 177 2.92 4.63 17.10
C THR B 177 1.42 4.54 17.12
N PHE B 178 0.77 5.68 16.93
CA PHE B 178 -0.66 5.80 16.96
C PHE B 178 -1.13 7.04 16.21
N LEU B 179 -2.44 7.07 15.89
CA LEU B 179 -3.03 8.13 15.09
C LEU B 179 -4.26 8.65 15.81
N PHE B 180 -4.40 9.96 15.88
CA PHE B 180 -5.62 10.63 16.30
C PHE B 180 -6.31 11.21 15.10
N ASP B 181 -7.65 11.24 15.16
CA ASP B 181 -8.41 11.90 14.14
C ASP B 181 -8.53 13.39 14.34
N GLN B 182 -9.27 14.02 13.43
CA GLN B 182 -9.36 15.47 13.36
C GLN B 182 -10.01 16.04 14.61
N LYS B 183 -10.80 15.22 15.30
CA LYS B 183 -11.41 15.61 16.58
C LYS B 183 -10.51 15.31 17.80
N ASN B 184 -9.25 14.94 17.57
CA ASN B 184 -8.29 14.63 18.65
C ASN B 184 -8.74 13.40 19.44
N LYS B 185 -9.37 12.47 18.75
CA LYS B 185 -9.88 11.24 19.35
C LYS B 185 -9.06 10.09 18.80
N ILE B 186 -8.62 9.23 19.71
CA ILE B 186 -7.76 8.12 19.32
C ILE B 186 -8.38 7.34 18.21
N PHE B 187 -7.58 6.99 17.21
CA PHE B 187 -8.08 6.42 15.98
C PHE B 187 -7.46 5.08 15.62
N ALA B 188 -6.13 4.97 15.62
CA ALA B 188 -5.43 3.70 15.37
C ALA B 188 -4.18 3.64 16.24
N ALA B 189 -3.70 2.42 16.49
CA ALA B 189 -2.57 2.19 17.38
C ALA B 189 -1.89 0.83 17.15
N THR B 190 -0.56 0.78 17.21
CA THR B 190 0.18 -0.48 17.34
C THR B 190 -0.18 -1.26 18.57
N ASN B 191 -0.24 -0.58 19.69
CA ASN B 191 -0.78 -1.17 20.87
C ASN B 191 -2.29 -0.96 20.88
N LYS B 192 -3.04 -1.99 20.51
CA LYS B 192 -4.46 -1.81 20.30
C LYS B 192 -5.21 -1.58 21.59
N GLU B 193 -4.55 -1.76 22.74
CA GLU B 193 -5.06 -1.25 24.00
C GLU B 193 -5.34 0.24 23.94
N LEU B 194 -4.42 0.98 23.31
CA LEU B 194 -4.50 2.44 23.30
C LEU B 194 -5.81 2.96 22.79
N LEU B 195 -6.57 2.11 22.09
CA LEU B 195 -7.82 2.51 21.52
C LEU B 195 -9.00 2.51 22.46
N ASN B 196 -8.85 1.86 23.61
CA ASN B 196 -9.92 1.84 24.56
C ASN B 196 -10.19 3.25 25.07
N PRO B 197 -11.45 3.59 25.32
CA PRO B 197 -11.82 4.99 25.60
C PRO B 197 -11.38 5.42 26.99
N SER B 198 -11.12 4.44 27.86
CA SER B 198 -10.68 4.73 29.21
C SER B 198 -9.27 5.25 29.27
N ILE B 199 -8.55 5.19 28.17
CA ILE B 199 -7.18 5.70 28.16
C ILE B 199 -7.27 7.18 27.95
N ASP B 200 -6.54 7.92 28.78
CA ASP B 200 -6.53 9.40 28.74
C ASP B 200 -5.38 9.84 27.85
N HIS B 201 -5.70 10.27 26.64
CA HIS B 201 -4.68 10.80 25.75
C HIS B 201 -4.46 12.28 25.88
N SER B 202 -5.13 12.94 26.82
N SER B 202 -5.12 12.93 26.84
CA SER B 202 -4.93 14.37 26.98
CA SER B 202 -4.93 14.38 26.97
C SER B 202 -3.47 14.75 27.27
C SER B 202 -3.49 14.78 27.30
N PRO B 203 -2.77 13.97 28.10
CA PRO B 203 -1.38 14.38 28.37
C PRO B 203 -0.51 14.42 27.12
N VAL B 204 -0.70 13.46 26.22
CA VAL B 204 0.13 13.43 25.01
C VAL B 204 -0.25 14.58 24.09
N LEU B 205 -1.55 14.81 23.90
CA LEU B 205 -2.01 15.82 23.00
C LEU B 205 -1.69 17.22 23.53
N ASN B 206 -1.80 17.39 24.85
CA ASN B 206 -1.48 18.70 25.45
C ASN B 206 0.00 19.02 25.25
N ALA B 207 0.86 18.02 25.44
CA ALA B 207 2.26 18.26 25.29
C ALA B 207 2.60 18.49 23.82
N TYR B 208 1.96 17.74 22.92
CA TYR B 208 2.13 18.04 21.51
C TYR B 208 1.79 19.46 21.13
N LYS B 209 0.71 19.98 21.68
CA LYS B 209 0.30 21.35 21.34
C LYS B 209 1.36 22.38 21.71
N LEU B 210 2.15 22.09 22.74
CA LEU B 210 3.20 23.00 23.18
C LEU B 210 4.42 22.92 22.26
N ASN B 211 4.59 21.81 21.53
CA ASN B 211 5.90 21.46 20.97
C ASN B 211 6.01 21.49 19.44
N GLY B 212 4.92 21.21 18.77
CA GLY B 212 4.95 21.17 17.34
C GLY B 212 5.61 19.94 16.72
N ASP B 213 5.55 19.87 15.40
CA ASP B 213 5.72 18.61 14.71
C ASP B 213 7.12 18.07 14.86
N ASN B 214 7.22 16.80 15.21
N ASN B 214 7.20 16.80 15.20
CA ASN B 214 8.47 16.07 15.26
CA ASN B 214 8.44 16.02 15.31
C ASN B 214 9.45 16.61 16.27
C ASN B 214 9.35 16.37 16.46
N ASN B 215 8.95 17.35 17.25
CA ASN B 215 9.74 17.75 18.41
C ASN B 215 9.42 16.92 19.66
N PHE B 216 10.43 16.32 20.25
CA PHE B 216 10.20 15.45 21.40
C PHE B 216 9.84 16.23 22.64
N PHE B 217 8.93 15.67 23.40
CA PHE B 217 8.44 16.26 24.63
C PHE B 217 8.30 15.23 25.72
N SER B 218 8.40 15.67 26.97
CA SER B 218 8.10 14.87 28.12
C SER B 218 6.65 15.06 28.51
N TYR B 219 6.05 14.00 29.00
CA TYR B 219 4.70 14.06 29.55
C TYR B 219 4.54 12.94 30.58
N LYS B 220 3.47 13.00 31.35
CA LYS B 220 3.20 12.01 32.39
C LYS B 220 1.80 11.48 32.18
N LEU B 221 1.62 10.19 32.41
CA LEU B 221 0.31 9.62 32.58
C LEU B 221 0.35 8.52 33.63
N ASN B 222 -0.59 8.59 34.58
CA ASN B 222 -0.64 7.63 35.69
C ASN B 222 0.68 7.62 36.49
N ASN B 223 1.27 8.78 36.64
CA ASN B 223 2.58 8.92 37.30
C ASN B 223 3.77 8.16 36.65
N GLU B 224 3.64 7.87 35.37
CA GLU B 224 4.76 7.38 34.58
C GLU B 224 5.23 8.49 33.68
N GLU B 225 6.52 8.78 33.74
CA GLU B 225 7.15 9.71 32.83
C GLU B 225 7.33 9.04 31.49
N ARG B 226 6.98 9.77 30.43
CA ARG B 226 7.09 9.30 29.09
C ARG B 226 7.69 10.36 28.17
N LEU B 227 8.09 9.95 26.98
CA LEU B 227 8.63 10.81 25.97
C LEU B 227 7.86 10.58 24.69
N GLY B 228 7.50 11.65 24.01
CA GLY B 228 6.66 11.58 22.84
C GLY B 228 7.05 12.55 21.77
N ALA B 229 6.64 12.26 20.54
CA ALA B 229 6.60 13.24 19.47
C ALA B 229 5.39 12.96 18.61
N CYS B 230 4.81 14.02 18.06
CA CYS B 230 3.72 13.87 17.13
C CYS B 230 3.93 14.77 15.94
N THR B 231 3.18 14.47 14.87
CA THR B 231 3.17 15.30 13.73
C THR B 231 1.78 15.26 13.08
N LYS B 232 1.44 16.34 12.40
CA LYS B 232 0.19 16.37 11.62
C LYS B 232 0.42 15.59 10.36
N VAL B 233 -0.56 14.80 9.99
CA VAL B 233 -0.57 14.11 8.70
C VAL B 233 -1.98 14.25 8.12
N PHE B 234 -2.13 15.17 7.19
CA PHE B 234 -3.43 15.66 6.77
C PHE B 234 -4.20 16.09 8.03
N ALA B 235 -5.39 15.58 8.26
CA ALA B 235 -6.11 16.05 9.41
C ALA B 235 -5.82 15.21 10.63
N TYR B 236 -5.07 14.12 10.43
CA TYR B 236 -4.69 13.22 11.53
C TYR B 236 -3.48 13.77 12.29
N THR B 237 -3.33 13.30 13.53
CA THR B 237 -2.10 13.49 14.28
C THR B 237 -1.52 12.11 14.46
N ALA B 238 -0.25 11.95 14.06
CA ALA B 238 0.49 10.72 14.30
C ALA B 238 1.45 10.95 15.45
N CYS B 239 1.52 9.99 16.38
CA CYS B 239 2.39 10.10 17.52
C CYS B 239 3.21 8.85 17.67
N ILE B 240 4.35 9.00 18.37
CA ILE B 240 5.11 7.93 18.94
C ILE B 240 5.42 8.25 20.38
N THR B 241 5.29 7.28 21.28
CA THR B 241 5.66 7.52 22.67
C THR B 241 6.41 6.34 23.23
N GLU B 242 7.23 6.59 24.27
CA GLU B 242 7.90 5.54 24.96
C GLU B 242 8.02 5.93 26.46
N SER B 243 8.14 4.94 27.32
CA SER B 243 8.44 5.16 28.72
C SER B 243 9.77 5.86 28.82
N ALA B 244 9.88 6.81 29.76
CA ALA B 244 11.18 7.39 30.06
C ALA B 244 12.21 6.36 30.53
N ASP B 245 11.73 5.27 31.16
CA ASP B 245 12.61 4.22 31.63
C ASP B 245 12.98 3.21 30.57
N ILE B 246 12.46 3.38 29.35
N ILE B 246 12.44 3.36 29.36
CA ILE B 246 12.97 2.65 28.20
CA ILE B 246 12.94 2.65 28.18
C ILE B 246 13.85 3.53 27.33
C ILE B 246 13.90 3.54 27.41
N ILE B 247 13.57 4.82 27.30
CA ILE B 247 14.48 5.78 26.63
C ILE B 247 15.82 5.83 27.36
N ASN B 248 15.75 5.86 28.68
CA ASN B 248 16.90 5.89 29.56
C ASN B 248 16.71 4.73 30.57
N LYS B 249 17.24 3.56 30.23
CA LYS B 249 17.05 2.36 31.05
C LYS B 249 17.82 2.52 32.36
N PRO B 250 17.09 2.53 33.47
CA PRO B 250 17.82 2.78 34.71
C PRO B 250 18.67 1.57 35.09
N ILE B 251 19.79 1.83 35.76
CA ILE B 251 20.59 0.77 36.30
C ILE B 251 19.88 0.01 37.43
N TYR B 252 19.03 0.75 38.17
CA TYR B 252 18.23 0.19 39.22
C TYR B 252 16.76 0.52 38.94
N LYS B 253 15.95 -0.51 38.79
CA LYS B 253 14.58 -0.30 38.37
C LYS B 253 13.79 0.11 39.59
N ALA B 254 12.74 0.90 39.39
CA ALA B 254 11.95 1.43 40.49
C ALA B 254 11.20 0.34 41.26
N PHE C . 5.20 -8.61 -20.25
CA PHE C . 4.67 -9.66 -21.15
C PHE C . 5.86 -10.33 -21.83
O PHE C . 6.81 -9.62 -22.20
CB PHE C . 3.79 -9.00 -22.22
CG PHE C . 3.17 -9.95 -23.17
CD1 PHE C . 3.87 -10.38 -24.25
CD2 PHE C . 1.88 -10.36 -23.00
CE1 PHE C . 3.29 -11.21 -25.18
CE2 PHE C . 1.32 -11.23 -23.89
CZ PHE C . 2.08 -11.73 -24.92
OXT PHE C . 5.83 -11.56 -22.02
S SO4 D . -5.25 3.97 -21.64
O1 SO4 D . -4.05 3.74 -20.82
O2 SO4 D . -4.79 3.90 -23.04
O3 SO4 D . -6.28 2.93 -21.43
O4 SO4 D . -5.76 5.30 -21.29
S SO4 E . 1.21 -26.11 -6.48
O1 SO4 E . 1.87 -24.83 -6.09
O2 SO4 E . 2.03 -26.73 -7.55
O3 SO4 E . -0.18 -25.83 -6.95
O4 SO4 E . 1.15 -27.02 -5.31
CL CL F . 6.46 -8.85 -6.00
N PHE G . -21.04 5.49 3.06
CA PHE G . -22.10 6.16 2.29
C PHE G . -22.91 6.94 3.31
O PHE G . -23.44 8.03 3.01
CB PHE G . -22.98 5.08 1.61
CG PHE G . -24.18 5.62 0.95
CD1 PHE G . -24.12 6.04 -0.35
CD2 PHE G . -25.35 5.78 1.66
CE1 PHE G . -25.24 6.58 -0.96
CE2 PHE G . -26.46 6.34 1.08
CZ PHE G . -26.42 6.70 -0.26
OXT PHE G . -23.08 6.43 4.42
NA NA H . 3.95 1.13 15.17
CL CL I . -7.02 8.89 3.74
#